data_1UU4
#
_entry.id   1UU4
#
_cell.length_a   49.309
_cell.length_b   49.309
_cell.length_c   166.150
_cell.angle_alpha   90.00
_cell.angle_beta   90.00
_cell.angle_gamma   90.00
#
_symmetry.space_group_name_H-M   'P 43 21 2'
#
loop_
_entity.id
_entity.type
_entity.pdbx_description
1 polymer ENDO-BETA-1,4-GLUCANASE
2 branched beta-D-glucopyranose-(1-4)-beta-D-glucopyranose
3 non-polymer 'TETRAETHYLENE GLYCOL'
4 water water
#
_entity_poly.entity_id   1
_entity_poly.type   'polypeptide(L)'
_entity_poly.pdbx_seq_one_letter_code
;(PCA)IRSLCELYGYWSGNGYELLNNLWGKDTATSGWQCTYLDGTNNGGIQWSTAWEWQGAPDNVKSYPYVGKQIQRGRK
ISDINSMRTSVSWTYDRTDIRANVAYDVFTARDPDHPNWGGDYELMIWLARYGGIYPIGTFHSQVNLAGRTWDLWTGYNG
NMRVYSFLPPSGDIRDFSCDIKDFFNYLERNHGYPAREQNLIVYQVGTECFTGGPARFTCRDFRADLW
;
_entity_poly.pdbx_strand_id   A
#
# COMPACT_ATOMS: atom_id res chain seq x y z
N ILE A 2 -10.23 -19.31 4.27
CA ILE A 2 -11.58 -19.28 3.71
C ILE A 2 -11.57 -19.31 2.18
N ARG A 3 -10.67 -18.54 1.59
CA ARG A 3 -10.49 -18.47 0.12
C ARG A 3 -9.00 -18.50 -0.20
N SER A 4 -8.63 -19.20 -1.26
CA SER A 4 -7.26 -19.18 -1.78
C SER A 4 -7.29 -18.56 -3.17
N LEU A 5 -6.60 -17.43 -3.32
CA LEU A 5 -6.59 -16.65 -4.56
C LEU A 5 -5.24 -16.80 -5.21
N CYS A 6 -5.05 -17.92 -5.92
CA CYS A 6 -3.75 -18.22 -6.48
C CYS A 6 -3.68 -17.90 -7.97
N GLU A 7 -4.80 -17.58 -8.59
CA GLU A 7 -4.79 -17.16 -9.99
C GLU A 7 -4.24 -15.76 -10.13
N LEU A 8 -3.71 -15.45 -11.30
CA LEU A 8 -3.33 -14.08 -11.66
C LEU A 8 -4.57 -13.21 -11.55
N TYR A 9 -4.48 -12.18 -10.71
CA TYR A 9 -5.61 -11.28 -10.41
C TYR A 9 -6.82 -11.99 -9.77
N GLY A 10 -6.57 -13.07 -9.05
CA GLY A 10 -7.61 -13.69 -8.25
C GLY A 10 -8.17 -12.66 -7.28
N TYR A 11 -9.49 -12.64 -7.14
CA TYR A 11 -10.19 -11.54 -6.50
C TYR A 11 -11.31 -12.01 -5.58
N TRP A 12 -11.43 -11.33 -4.44
CA TRP A 12 -12.54 -11.49 -3.52
C TRP A 12 -13.03 -10.12 -3.09
N SER A 13 -14.33 -9.99 -2.84
CA SER A 13 -14.83 -8.81 -2.15
C SER A 13 -15.97 -9.17 -1.22
N GLY A 14 -16.12 -8.38 -0.18
CA GLY A 14 -17.17 -8.58 0.81
C GLY A 14 -17.01 -7.62 1.97
N ASN A 15 -18.11 -7.31 2.64
CA ASN A 15 -18.05 -6.45 3.83
C ASN A 15 -17.43 -5.05 3.55
N GLY A 16 -17.49 -4.59 2.29
CA GLY A 16 -16.93 -3.31 1.91
C GLY A 16 -15.42 -3.29 1.69
N TYR A 17 -14.82 -4.48 1.66
CA TYR A 17 -13.41 -4.66 1.43
C TYR A 17 -13.20 -5.51 0.18
N GLU A 18 -11.98 -5.54 -0.34
CA GLU A 18 -11.63 -6.42 -1.44
C GLU A 18 -10.20 -6.89 -1.29
N LEU A 19 -9.86 -7.99 -1.94
CA LEU A 19 -8.56 -8.64 -1.85
C LEU A 19 -8.14 -9.06 -3.25
N LEU A 20 -6.90 -8.81 -3.64
CA LEU A 20 -6.45 -9.13 -4.99
C LEU A 20 -5.06 -9.75 -5.02
N ASN A 21 -4.92 -10.89 -5.72
CA ASN A 21 -3.61 -11.49 -6.01
C ASN A 21 -2.99 -10.73 -7.18
N ASN A 22 -2.45 -9.58 -6.83
CA ASN A 22 -2.14 -8.51 -7.77
C ASN A 22 -0.72 -8.66 -8.29
N LEU A 23 -0.49 -9.68 -9.13
CA LEU A 23 0.86 -9.98 -9.64
C LEU A 23 1.14 -9.19 -10.91
N TRP A 24 1.06 -7.87 -10.80
CA TRP A 24 1.06 -6.98 -11.96
C TRP A 24 2.38 -6.92 -12.72
N GLY A 25 3.48 -7.27 -12.05
CA GLY A 25 4.81 -7.26 -12.64
C GLY A 25 5.42 -8.63 -12.88
N LYS A 26 4.63 -9.69 -12.81
CA LYS A 26 5.19 -11.06 -12.77
C LYS A 26 5.89 -11.46 -14.05
N ASP A 27 5.59 -10.80 -15.16
CA ASP A 27 6.25 -11.16 -16.41
C ASP A 27 7.72 -10.76 -16.44
N THR A 28 8.17 -9.90 -15.52
CA THR A 28 9.60 -9.58 -15.35
C THR A 28 10.36 -10.61 -14.52
N ALA A 29 9.65 -11.52 -13.86
CA ALA A 29 10.29 -12.58 -13.09
C ALA A 29 10.82 -13.68 -14.01
N THR A 30 11.96 -14.25 -13.64
CA THR A 30 12.51 -15.42 -14.33
C THR A 30 11.99 -16.74 -13.75
N SER A 31 11.48 -16.70 -12.52
CA SER A 31 10.81 -17.86 -11.93
C SER A 31 9.98 -17.39 -10.75
N GLY A 32 8.99 -18.20 -10.38
CA GLY A 32 8.27 -18.02 -9.13
C GLY A 32 6.78 -17.82 -9.31
N TRP A 33 6.10 -17.72 -8.17
CA TRP A 33 4.66 -17.48 -8.14
C TRP A 33 4.29 -17.00 -6.75
N GLN A 34 3.01 -16.73 -6.57
CA GLN A 34 2.49 -16.14 -5.37
C GLN A 34 1.00 -16.43 -5.26
N CYS A 35 0.54 -16.70 -4.04
CA CYS A 35 -0.88 -16.85 -3.75
C CYS A 35 -1.27 -15.95 -2.60
N THR A 36 -2.51 -15.48 -2.63
CA THR A 36 -3.07 -14.61 -1.59
C THR A 36 -4.25 -15.34 -0.96
N TYR A 37 -4.31 -15.33 0.38
CA TYR A 37 -5.27 -16.12 1.14
C TYR A 37 -6.13 -15.20 1.98
N LEU A 38 -7.45 -15.39 1.91
CA LEU A 38 -8.37 -14.76 2.84
C LEU A 38 -8.50 -15.68 4.03
N ASP A 39 -8.00 -15.25 5.19
CA ASP A 39 -7.99 -16.07 6.41
C ASP A 39 -9.22 -15.85 7.28
N GLY A 40 -9.81 -14.66 7.24
CA GLY A 40 -10.97 -14.35 8.05
C GLY A 40 -11.52 -12.97 7.76
N THR A 41 -12.77 -12.74 8.17
CA THR A 41 -13.35 -11.39 8.15
C THR A 41 -13.98 -11.09 9.51
N ASN A 42 -13.20 -11.33 10.55
CA ASN A 42 -13.67 -11.16 11.92
C ASN A 42 -13.62 -9.71 12.40
N ASN A 43 -14.62 -9.31 13.18
CA ASN A 43 -14.59 -8.06 13.96
C ASN A 43 -14.47 -6.75 13.16
N GLY A 44 -15.16 -6.66 12.02
CA GLY A 44 -15.12 -5.48 11.17
C GLY A 44 -13.84 -5.30 10.36
N GLY A 45 -12.96 -6.30 10.43
CA GLY A 45 -11.69 -6.26 9.75
C GLY A 45 -11.50 -7.45 8.81
N ILE A 46 -10.31 -7.50 8.21
CA ILE A 46 -9.91 -8.58 7.32
C ILE A 46 -8.60 -9.16 7.82
N GLN A 47 -8.53 -10.48 7.83
CA GLN A 47 -7.33 -11.23 8.15
C GLN A 47 -6.93 -11.96 6.87
N TRP A 48 -5.68 -11.83 6.46
CA TRP A 48 -5.25 -12.39 5.17
C TRP A 48 -3.75 -12.61 5.16
N SER A 49 -3.28 -13.32 4.16
CA SER A 49 -1.85 -13.59 4.03
CA SER A 49 -1.85 -13.67 4.03
C SER A 49 -1.46 -13.78 2.57
N THR A 50 -0.17 -13.74 2.30
CA THR A 50 0.32 -14.08 0.98
C THR A 50 1.68 -14.77 1.05
N ALA A 51 1.83 -15.83 0.27
CA ALA A 51 3.06 -16.61 0.21
C ALA A 51 3.63 -16.46 -1.20
N TRP A 52 4.95 -16.36 -1.30
CA TRP A 52 5.58 -16.10 -2.57
C TRP A 52 7.05 -16.47 -2.66
N GLU A 53 7.50 -16.64 -3.89
CA GLU A 53 8.92 -16.72 -4.20
C GLU A 53 9.12 -16.15 -5.58
N TRP A 54 10.08 -15.25 -5.74
CA TRP A 54 10.36 -14.64 -7.04
C TRP A 54 11.85 -14.49 -7.27
N GLN A 55 12.25 -14.70 -8.52
CA GLN A 55 13.61 -14.41 -8.98
C GLN A 55 13.58 -13.52 -10.20
N GLY A 56 14.67 -12.79 -10.41
CA GLY A 56 14.83 -11.97 -11.61
C GLY A 56 14.50 -10.52 -11.37
N ALA A 57 15.16 -9.64 -12.14
CA ALA A 57 14.82 -8.20 -12.21
C ALA A 57 14.63 -7.57 -10.83
N PRO A 58 15.71 -7.46 -10.06
CA PRO A 58 15.61 -7.07 -8.65
C PRO A 58 15.09 -5.66 -8.37
N ASP A 59 15.05 -4.78 -9.37
CA ASP A 59 14.45 -3.45 -9.20
C ASP A 59 13.00 -3.37 -9.68
N ASN A 60 12.47 -4.48 -10.18
CA ASN A 60 11.10 -4.54 -10.68
C ASN A 60 10.18 -5.20 -9.66
N VAL A 61 9.14 -4.50 -9.28
CA VAL A 61 8.07 -5.10 -8.48
C VAL A 61 7.41 -6.20 -9.30
N LYS A 62 7.25 -7.38 -8.70
CA LYS A 62 6.51 -8.47 -9.33
C LYS A 62 5.04 -8.43 -8.96
N SER A 63 4.75 -7.94 -7.76
CA SER A 63 3.40 -8.00 -7.23
C SER A 63 3.19 -6.99 -6.13
N TYR A 64 1.92 -6.66 -5.90
CA TYR A 64 1.47 -5.92 -4.72
C TYR A 64 0.11 -6.48 -4.34
N PRO A 65 0.06 -7.69 -3.77
CA PRO A 65 -1.22 -8.19 -3.26
C PRO A 65 -1.67 -7.26 -2.16
N TYR A 66 -2.96 -6.97 -2.13
CA TYR A 66 -3.48 -5.98 -1.22
C TYR A 66 -4.88 -6.32 -0.77
N VAL A 67 -5.21 -5.75 0.38
CA VAL A 67 -6.59 -5.58 0.82
C VAL A 67 -6.93 -4.11 0.63
N GLY A 68 -8.13 -3.85 0.12
CA GLY A 68 -8.56 -2.49 -0.14
C GLY A 68 -9.88 -2.20 0.52
N LYS A 69 -10.06 -0.97 0.97
CA LYS A 69 -11.36 -0.48 1.39
C LYS A 69 -12.07 0.02 0.15
N GLN A 70 -13.23 -0.53 -0.17
CA GLN A 70 -13.99 -0.08 -1.34
C GLN A 70 -14.49 1.33 -1.09
N ILE A 71 -14.37 2.16 -2.11
CA ILE A 71 -14.80 3.54 -2.01
C ILE A 71 -15.58 3.95 -3.24
N GLN A 72 -16.43 4.93 -3.02
CA GLN A 72 -17.27 5.49 -4.06
C GLN A 72 -16.51 6.57 -4.79
N ARG A 73 -16.65 6.59 -6.12
CA ARG A 73 -15.94 7.56 -6.93
C ARG A 73 -16.50 8.97 -6.75
N GLY A 74 -15.65 9.96 -7.00
CA GLY A 74 -16.06 11.36 -6.99
C GLY A 74 -15.94 12.08 -5.66
N ARG A 75 -15.19 11.51 -4.72
CA ARG A 75 -14.94 12.16 -3.44
C ARG A 75 -13.63 12.91 -3.47
N LYS A 76 -13.69 14.24 -3.42
CA LYS A 76 -12.48 15.05 -3.37
C LYS A 76 -11.78 14.82 -2.05
N ILE A 77 -10.46 14.79 -2.09
CA ILE A 77 -9.67 14.57 -0.88
C ILE A 77 -9.96 15.64 0.16
N SER A 78 -10.14 16.88 -0.28
CA SER A 78 -10.49 17.99 0.61
C SER A 78 -11.84 17.76 1.33
N ASP A 79 -12.72 16.95 0.75
CA ASP A 79 -14.03 16.66 1.31
C ASP A 79 -14.08 15.36 2.13
N ILE A 80 -12.93 14.71 2.30
CA ILE A 80 -12.81 13.56 3.17
C ILE A 80 -12.19 14.05 4.48
N ASN A 81 -12.92 13.90 5.58
CA ASN A 81 -12.46 14.37 6.88
C ASN A 81 -11.40 13.48 7.52
N SER A 82 -11.55 12.17 7.34
CA SER A 82 -10.76 11.19 8.06
C SER A 82 -10.65 9.89 7.26
N MET A 83 -9.47 9.26 7.34
CA MET A 83 -9.21 7.95 6.76
C MET A 83 -8.48 7.14 7.82
N ARG A 84 -9.25 6.65 8.79
CA ARG A 84 -8.67 5.96 9.93
C ARG A 84 -8.48 4.48 9.62
N THR A 85 -7.29 3.97 9.91
CA THR A 85 -6.96 2.61 9.56
C THR A 85 -5.93 2.04 10.53
N SER A 86 -5.99 0.72 10.72
CA SER A 86 -4.98 0.02 11.49
C SER A 86 -4.61 -1.28 10.82
N VAL A 87 -3.38 -1.70 11.03
CA VAL A 87 -2.89 -2.95 10.50
C VAL A 87 -1.91 -3.60 11.46
N SER A 88 -1.96 -4.91 11.56
CA SER A 88 -1.06 -5.71 12.34
C SER A 88 -0.57 -6.81 11.40
N TRP A 89 0.74 -6.95 11.25
CA TRP A 89 1.30 -7.90 10.29
C TRP A 89 2.63 -8.47 10.74
N THR A 90 3.04 -9.56 10.10
CA THR A 90 4.37 -10.14 10.25
C THR A 90 4.86 -10.65 8.91
N TYR A 91 6.19 -10.70 8.78
CA TYR A 91 6.87 -11.43 7.71
C TYR A 91 7.67 -12.52 8.40
N ASP A 92 7.72 -13.69 7.80
CA ASP A 92 8.45 -14.82 8.40
C ASP A 92 9.95 -14.75 8.19
N ARG A 93 10.40 -13.85 7.33
CA ARG A 93 11.81 -13.60 7.09
C ARG A 93 11.98 -12.19 6.54
N THR A 94 13.18 -11.64 6.66
CA THR A 94 13.46 -10.29 6.16
C THR A 94 14.60 -10.23 5.14
N ASP A 95 15.18 -11.37 4.78
CA ASP A 95 16.23 -11.45 3.76
C ASP A 95 15.60 -11.59 2.38
N ILE A 96 14.82 -10.58 2.05
CA ILE A 96 14.01 -10.49 0.84
C ILE A 96 14.03 -9.05 0.39
N ARG A 97 13.75 -8.82 -0.89
CA ARG A 97 13.51 -7.47 -1.40
C ARG A 97 12.02 -7.28 -1.48
N ALA A 98 11.49 -6.51 -0.52
CA ALA A 98 10.06 -6.33 -0.37
C ALA A 98 9.77 -5.20 0.60
N ASN A 99 8.57 -4.65 0.49
CA ASN A 99 8.08 -3.73 1.52
C ASN A 99 6.72 -4.19 2.05
N VAL A 100 6.24 -3.48 3.05
CA VAL A 100 4.82 -3.48 3.42
C VAL A 100 4.43 -2.02 3.32
N ALA A 101 3.30 -1.74 2.69
CA ALA A 101 2.91 -0.34 2.48
C ALA A 101 1.43 -0.14 2.26
N TYR A 102 0.93 0.99 2.75
CA TYR A 102 -0.34 1.55 2.29
C TYR A 102 -0.11 2.20 0.95
N ASP A 103 -1.13 2.12 0.10
CA ASP A 103 -1.11 2.70 -1.23
C ASP A 103 -2.43 3.43 -1.47
N VAL A 104 -2.34 4.69 -1.85
CA VAL A 104 -3.52 5.50 -2.16
C VAL A 104 -3.28 6.18 -3.48
N PHE A 105 -4.22 6.08 -4.42
CA PHE A 105 -4.16 6.83 -5.68
C PHE A 105 -5.25 7.88 -5.68
N THR A 106 -4.94 9.04 -6.24
CA THR A 106 -5.95 10.07 -6.50
C THR A 106 -5.82 10.57 -7.92
N ALA A 107 -6.90 11.11 -8.46
CA ALA A 107 -6.89 11.63 -9.83
C ALA A 107 -7.96 12.69 -9.99
N ARG A 108 -7.68 13.64 -10.89
CA ARG A 108 -8.64 14.69 -11.18
C ARG A 108 -9.84 14.09 -11.92
N ASP A 109 -9.59 13.06 -12.72
CA ASP A 109 -10.65 12.32 -13.39
C ASP A 109 -11.19 11.31 -12.38
N PRO A 110 -12.43 11.48 -11.91
CA PRO A 110 -12.96 10.57 -10.88
C PRO A 110 -13.15 9.14 -11.37
N ASP A 111 -13.18 8.93 -12.68
CA ASP A 111 -13.32 7.61 -13.26
C ASP A 111 -11.99 7.00 -13.68
N HIS A 112 -10.88 7.53 -13.15
CA HIS A 112 -9.57 6.99 -13.51
C HIS A 112 -9.50 5.54 -13.05
N PRO A 113 -8.97 4.64 -13.87
CA PRO A 113 -8.83 3.24 -13.45
C PRO A 113 -7.99 3.04 -12.18
N ASN A 114 -8.22 1.93 -11.52
CA ASN A 114 -7.63 1.67 -10.20
C ASN A 114 -6.14 1.34 -10.22
N TRP A 115 -5.54 1.18 -11.39
CA TRP A 115 -4.10 0.86 -11.48
C TRP A 115 -3.18 2.05 -11.23
N GLY A 116 -3.74 3.26 -11.11
CA GLY A 116 -2.93 4.45 -10.91
C GLY A 116 -3.77 5.70 -10.71
N GLY A 117 -3.16 6.84 -10.91
CA GLY A 117 -3.82 8.12 -10.80
C GLY A 117 -2.86 9.25 -11.16
N ASP A 118 -3.25 10.47 -10.85
CA ASP A 118 -2.38 11.64 -10.98
C ASP A 118 -1.30 11.64 -9.89
N TYR A 119 -1.70 11.20 -8.70
CA TYR A 119 -0.84 11.17 -7.52
C TYR A 119 -0.97 9.83 -6.81
N GLU A 120 0.12 9.43 -6.16
CA GLU A 120 0.18 8.25 -5.33
C GLU A 120 0.77 8.65 -3.98
N LEU A 121 0.13 8.22 -2.91
CA LEU A 121 0.62 8.37 -1.55
C LEU A 121 0.86 6.98 -0.99
N MET A 122 2.10 6.69 -0.61
CA MET A 122 2.46 5.44 0.03
C MET A 122 2.94 5.69 1.44
N ILE A 123 2.58 4.80 2.36
CA ILE A 123 3.12 4.80 3.71
C ILE A 123 3.75 3.44 3.91
N TRP A 124 5.08 3.40 3.91
CA TRP A 124 5.83 2.16 4.05
C TRP A 124 6.02 1.81 5.52
N LEU A 125 5.75 0.57 5.85
CA LEU A 125 5.90 0.04 7.20
C LEU A 125 7.08 -0.92 7.29
N ALA A 126 7.68 -1.25 6.15
CA ALA A 126 8.86 -2.10 6.11
C ALA A 126 9.61 -1.81 4.84
N ARG A 127 10.92 -2.02 4.88
CA ARG A 127 11.79 -1.77 3.76
C ARG A 127 12.92 -2.79 3.82
N TYR A 128 12.74 -3.91 3.14
CA TYR A 128 13.66 -5.04 3.26
C TYR A 128 14.52 -5.16 2.00
N GLY A 129 15.76 -5.60 2.19
CA GLY A 129 16.61 -6.03 1.10
C GLY A 129 17.28 -4.93 0.31
N GLY A 130 17.26 -3.72 0.84
CA GLY A 130 17.93 -2.60 0.19
C GLY A 130 17.15 -1.88 -0.91
N ILE A 131 15.85 -2.11 -1.00
CA ILE A 131 15.04 -1.46 -2.02
C ILE A 131 14.87 0.04 -1.74
N TYR A 132 14.50 0.76 -2.78
CA TYR A 132 14.23 2.20 -2.70
C TYR A 132 12.81 2.46 -3.17
N PRO A 133 12.19 3.52 -2.68
CA PRO A 133 10.91 3.97 -3.24
C PRO A 133 11.21 4.73 -4.52
N ILE A 134 10.16 5.15 -5.20
CA ILE A 134 10.27 6.10 -6.30
C ILE A 134 10.92 7.39 -5.85
N GLY A 135 11.86 7.89 -6.65
CA GLY A 135 12.34 9.25 -6.48
C GLY A 135 13.53 9.39 -5.56
N THR A 136 13.54 10.50 -4.83
CA THR A 136 14.65 10.90 -3.97
C THR A 136 14.15 11.41 -2.64
N PHE A 137 15.02 11.38 -1.64
CA PHE A 137 14.70 11.89 -0.32
C PHE A 137 14.38 13.38 -0.38
N HIS A 138 13.31 13.76 0.30
CA HIS A 138 12.83 15.13 0.31
C HIS A 138 13.13 15.83 1.64
N SER A 139 12.61 15.26 2.73
CA SER A 139 12.64 15.86 4.06
C SER A 139 12.07 14.88 5.06
N GLN A 140 12.27 15.16 6.34
CA GLN A 140 11.64 14.42 7.41
C GLN A 140 10.34 15.12 7.81
N VAL A 141 9.41 14.31 8.31
CA VAL A 141 8.04 14.73 8.59
CA VAL A 141 8.11 14.82 8.68
C VAL A 141 7.54 14.02 9.85
N ASN A 142 6.90 14.75 10.75
CA ASN A 142 6.29 14.16 11.95
C ASN A 142 4.79 13.97 11.75
N LEU A 143 4.36 12.72 11.64
CA LEU A 143 2.95 12.36 11.49
C LEU A 143 2.69 11.03 12.18
N ALA A 144 1.47 10.86 12.71
CA ALA A 144 1.03 9.57 13.24
C ALA A 144 1.89 9.06 14.37
N GLY A 145 2.47 10.00 15.14
CA GLY A 145 3.29 9.64 16.28
C GLY A 145 4.70 9.18 15.94
N ARG A 146 5.10 9.34 14.67
CA ARG A 146 6.40 8.86 14.20
C ARG A 146 7.08 9.92 13.35
N THR A 147 8.36 9.71 13.12
CA THR A 147 9.12 10.50 12.16
C THR A 147 9.25 9.67 10.89
N TRP A 148 9.05 10.31 9.73
CA TRP A 148 9.12 9.66 8.42
C TRP A 148 10.16 10.33 7.58
N ASP A 149 10.87 9.56 6.76
CA ASP A 149 11.64 10.10 5.65
C ASP A 149 10.69 10.15 4.46
N LEU A 150 10.37 11.35 3.99
CA LEU A 150 9.53 11.51 2.80
C LEU A 150 10.40 11.49 1.56
N TRP A 151 10.04 10.63 0.61
CA TRP A 151 10.65 10.58 -0.71
C TRP A 151 9.62 11.01 -1.73
N THR A 152 10.06 11.70 -2.77
CA THR A 152 9.16 12.10 -3.86
C THR A 152 9.80 11.90 -5.22
N GLY A 153 8.96 11.60 -6.20
CA GLY A 153 9.42 11.51 -7.57
C GLY A 153 8.25 11.20 -8.47
N TYR A 154 8.55 10.67 -9.65
CA TYR A 154 7.54 10.36 -10.65
C TYR A 154 7.63 8.93 -11.12
N ASN A 155 6.47 8.32 -11.29
CA ASN A 155 6.30 7.03 -11.95
C ASN A 155 5.46 7.34 -13.19
N GLY A 156 6.09 7.44 -14.35
CA GLY A 156 5.43 7.98 -15.52
C GLY A 156 5.11 9.43 -15.25
N ASN A 157 3.87 9.83 -15.48
CA ASN A 157 3.45 11.20 -15.19
C ASN A 157 2.85 11.36 -13.79
N MET A 158 2.80 10.26 -13.03
CA MET A 158 2.20 10.23 -11.69
C MET A 158 3.22 10.67 -10.65
N ARG A 159 2.85 11.64 -9.83
CA ARG A 159 3.72 12.08 -8.74
C ARG A 159 3.51 11.17 -7.53
N VAL A 160 4.60 10.66 -6.99
CA VAL A 160 4.56 9.69 -5.90
C VAL A 160 5.22 10.26 -4.65
N TYR A 161 4.48 10.27 -3.55
CA TYR A 161 4.95 10.64 -2.22
C TYR A 161 4.99 9.37 -1.38
N SER A 162 6.19 8.96 -0.97
CA SER A 162 6.39 7.78 -0.13
C SER A 162 6.97 8.14 1.23
N PHE A 163 6.27 7.79 2.29
CA PHE A 163 6.70 8.06 3.65
C PHE A 163 7.33 6.78 4.20
N LEU A 164 8.61 6.84 4.56
CA LEU A 164 9.37 5.66 4.94
C LEU A 164 9.79 5.71 6.41
N PRO A 165 9.91 4.57 7.06
CA PRO A 165 10.47 4.53 8.41
C PRO A 165 11.98 4.75 8.33
N PRO A 166 12.55 5.67 9.10
CA PRO A 166 14.01 5.87 9.07
C PRO A 166 14.82 4.63 9.46
N SER A 167 14.26 3.80 10.33
CA SER A 167 14.93 2.60 10.81
CA SER A 167 14.92 2.57 10.72
C SER A 167 13.90 1.52 11.16
N GLY A 168 14.24 0.26 10.92
CA GLY A 168 13.41 -0.85 11.33
C GLY A 168 12.11 -0.94 10.57
N ASP A 169 11.19 -1.72 11.12
CA ASP A 169 9.85 -1.83 10.57
C ASP A 169 8.79 -1.48 11.60
N ILE A 170 7.54 -1.46 11.17
CA ILE A 170 6.41 -1.08 12.00
C ILE A 170 5.34 -2.14 11.79
N ARG A 171 5.34 -3.16 12.62
CA ARG A 171 4.47 -4.31 12.44
C ARG A 171 3.08 -4.13 13.01
N ASP A 172 2.89 -3.09 13.82
CA ASP A 172 1.58 -2.72 14.33
C ASP A 172 1.44 -1.23 14.19
N PHE A 173 0.47 -0.80 13.39
CA PHE A 173 0.39 0.60 12.99
C PHE A 173 -1.05 1.04 12.92
N SER A 174 -1.30 2.27 13.34
CA SER A 174 -2.59 2.89 13.11
CA SER A 174 -2.60 2.91 13.22
C SER A 174 -2.36 4.36 12.80
N CYS A 175 -3.22 4.91 11.96
CA CYS A 175 -3.10 6.30 11.57
C CYS A 175 -4.38 6.82 10.95
N ASP A 176 -4.37 8.12 10.69
CA ASP A 176 -5.38 8.76 9.88
C ASP A 176 -4.65 9.27 8.64
N ILE A 177 -4.92 8.65 7.50
CA ILE A 177 -4.22 9.00 6.28
C ILE A 177 -4.51 10.44 5.88
N LYS A 178 -5.64 11.00 6.28
CA LYS A 178 -5.87 12.42 6.02
C LYS A 178 -4.81 13.33 6.65
N ASP A 179 -4.17 12.91 7.74
CA ASP A 179 -3.05 13.70 8.28
C ASP A 179 -1.92 13.84 7.27
N PHE A 180 -1.68 12.78 6.51
CA PHE A 180 -0.63 12.75 5.50
C PHE A 180 -1.03 13.63 4.32
N PHE A 181 -2.26 13.50 3.85
CA PHE A 181 -2.77 14.37 2.79
C PHE A 181 -2.76 15.84 3.19
N ASN A 182 -3.15 16.13 4.43
CA ASN A 182 -3.22 17.51 4.89
C ASN A 182 -1.80 18.11 4.91
N TYR A 183 -0.82 17.32 5.32
CA TYR A 183 0.58 17.75 5.28
C TYR A 183 1.03 18.06 3.84
N LEU A 184 0.67 17.20 2.89
CA LEU A 184 1.02 17.43 1.49
C LEU A 184 0.31 18.65 0.94
N GLU A 185 -0.95 18.86 1.32
CA GLU A 185 -1.71 20.01 0.87
C GLU A 185 -1.06 21.32 1.34
N ARG A 186 -0.62 21.35 2.59
CA ARG A 186 -0.03 22.54 3.18
C ARG A 186 1.34 22.83 2.57
N ASN A 187 2.22 21.84 2.60
CA ASN A 187 3.65 22.08 2.36
C ASN A 187 4.15 21.68 0.98
N HIS A 188 3.34 20.98 0.20
CA HIS A 188 3.74 20.49 -1.12
C HIS A 188 2.80 20.94 -2.23
N GLY A 189 1.81 21.76 -1.90
CA GLY A 189 0.87 22.24 -2.90
C GLY A 189 0.02 21.14 -3.50
N TYR A 190 -0.15 20.02 -2.79
CA TYR A 190 -1.00 18.94 -3.29
C TYR A 190 -2.43 19.46 -3.48
N PRO A 191 -2.98 19.36 -4.70
CA PRO A 191 -4.28 19.98 -5.02
C PRO A 191 -5.49 19.15 -4.57
N ALA A 192 -5.66 19.05 -3.26
CA ALA A 192 -6.69 18.21 -2.67
C ALA A 192 -8.11 18.57 -3.08
N ARG A 193 -8.35 19.85 -3.42
CA ARG A 193 -9.68 20.29 -3.81
C ARG A 193 -10.09 19.85 -5.22
N GLU A 194 -9.16 19.35 -6.02
CA GLU A 194 -9.53 18.81 -7.33
C GLU A 194 -9.14 17.36 -7.56
N GLN A 195 -8.59 16.72 -6.54
CA GLN A 195 -8.20 15.32 -6.63
C GLN A 195 -9.24 14.41 -5.99
N ASN A 196 -9.66 13.39 -6.70
CA ASN A 196 -10.63 12.40 -6.23
C ASN A 196 -9.94 11.14 -5.73
N LEU A 197 -10.44 10.54 -4.67
CA LEU A 197 -9.88 9.28 -4.19
C LEU A 197 -10.20 8.15 -5.18
N ILE A 198 -9.18 7.35 -5.50
CA ILE A 198 -9.34 6.23 -6.43
C ILE A 198 -9.20 4.88 -5.71
N VAL A 199 -8.11 4.68 -4.95
CA VAL A 199 -7.96 3.47 -4.13
C VAL A 199 -7.40 3.78 -2.74
N TYR A 200 -7.61 2.84 -1.83
CA TYR A 200 -7.26 2.96 -0.41
C TYR A 200 -6.91 1.54 0.04
N GLN A 201 -5.61 1.21 0.08
CA GLN A 201 -5.13 -0.18 0.17
C GLN A 201 -3.96 -0.33 1.12
N VAL A 202 -3.77 -1.55 1.61
CA VAL A 202 -2.50 -1.95 2.24
C VAL A 202 -2.09 -3.31 1.70
N GLY A 203 -0.80 -3.54 1.58
CA GLY A 203 -0.30 -4.79 1.04
C GLY A 203 1.21 -4.83 1.09
N THR A 204 1.78 -5.71 0.27
CA THR A 204 3.23 -5.91 0.24
C THR A 204 3.74 -5.95 -1.18
N GLU A 205 4.68 -5.06 -1.50
CA GLU A 205 5.33 -5.05 -2.82
C GLU A 205 6.46 -6.04 -2.75
N CYS A 206 6.45 -7.02 -3.65
CA CYS A 206 7.40 -8.13 -3.62
C CYS A 206 8.28 -8.04 -4.86
N PHE A 207 9.59 -8.04 -4.66
CA PHE A 207 10.57 -7.88 -5.74
C PHE A 207 11.29 -9.22 -6.00
N THR A 208 12.05 -9.70 -5.03
CA THR A 208 12.75 -10.98 -5.14
C THR A 208 12.91 -11.61 -3.78
N GLY A 209 13.14 -12.92 -3.78
CA GLY A 209 13.40 -13.67 -2.58
C GLY A 209 12.38 -14.74 -2.33
N GLY A 210 12.43 -15.31 -1.13
CA GLY A 210 11.49 -16.32 -0.70
C GLY A 210 12.07 -17.72 -0.78
N PRO A 211 11.29 -18.73 -0.41
CA PRO A 211 9.88 -18.59 0.01
C PRO A 211 9.66 -17.70 1.23
N ALA A 212 8.69 -16.78 1.09
CA ALA A 212 8.38 -15.82 2.13
C ALA A 212 6.89 -15.82 2.36
N ARG A 213 6.49 -15.45 3.56
CA ARG A 213 5.07 -15.35 3.89
C ARG A 213 4.78 -14.10 4.71
N PHE A 214 3.88 -13.29 4.18
CA PHE A 214 3.34 -12.10 4.83
C PHE A 214 2.01 -12.49 5.47
N THR A 215 1.85 -12.20 6.76
CA THR A 215 0.59 -12.45 7.44
C THR A 215 0.03 -11.12 7.93
N CYS A 216 -1.16 -10.78 7.46
CA CYS A 216 -1.90 -9.65 7.99
C CYS A 216 -2.84 -10.21 9.06
N ARG A 217 -2.41 -10.02 10.29
CA ARG A 217 -3.16 -10.49 11.44
C ARG A 217 -4.48 -9.76 11.60
N ASP A 218 -4.51 -8.48 11.20
CA ASP A 218 -5.77 -7.72 11.15
C ASP A 218 -5.58 -6.45 10.35
N PHE A 219 -6.59 -6.12 9.56
CA PHE A 219 -6.67 -4.87 8.82
C PHE A 219 -8.05 -4.29 9.00
N ARG A 220 -8.12 -3.01 9.34
CA ARG A 220 -9.39 -2.28 9.37
C ARG A 220 -9.17 -0.92 8.73
N ALA A 221 -10.19 -0.45 8.04
CA ALA A 221 -10.11 0.87 7.41
C ALA A 221 -11.49 1.46 7.31
N ASP A 222 -11.57 2.76 7.54
CA ASP A 222 -12.80 3.50 7.39
C ASP A 222 -12.47 4.84 6.76
N LEU A 223 -13.50 5.53 6.29
CA LEU A 223 -13.34 6.93 5.95
C LEU A 223 -14.66 7.66 6.15
N TRP A 224 -14.54 8.91 6.50
N TRP A 224 -14.54 8.94 6.45
CA TRP A 224 -15.69 9.77 6.70
CA TRP A 224 -15.69 9.85 6.50
C TRP A 224 -15.46 11.07 5.98
C TRP A 224 -15.27 11.30 6.39
#